data_6BTP
#
_entry.id   6BTP
#
_cell.length_a   90.331
_cell.length_b   124.366
_cell.length_c   43.642
_cell.angle_alpha   90.000
_cell.angle_beta   90.000
_cell.angle_gamma   90.000
#
_symmetry.space_group_name_H-M   'P 21 21 21'
#
loop_
_entity.id
_entity.type
_entity.pdbx_description
1 polymer 'Bone morphogenetic protein 1'
2 non-polymer 'THIOCYANATE ION'
3 non-polymer 'ZINC ION'
4 non-polymer (1R,3S,4S)-2-{(2R)-2-[2-(hydroxyamino)-2-oxoethyl]heptanoyl}-N-(3-methoxypyrazin-2-yl)-2-azabicyclo[2.2.1]heptane-3-carboxamide
5 water water
#
_entity_poly.entity_id   1
_entity_poly.type   'polypeptide(L)'
_entity_poly.pdbx_seq_one_letter_code
;(ACE)AATSRPERVWPDGVIPFVIGGNFTGSQRAVFRQAMRHWEKHTCVTFLERTDEDSYIVFTYRPCGCCSYVGRRGGG
PQAISIGKNCDKFGIVVHELGHVVGFWHEHTRPDRDRHVSIVRENIQPGQEYNFLKMEPQEVESLGETYDFDSIMHYARN
TFSRGIFLDTIVPKYEVNGVKPPIGQRTRLSKGDIAQARKLYKCP
;
_entity_poly.pdbx_strand_id   A,B
#
# COMPACT_ATOMS: atom_id res chain seq x y z
N ALA A 2 -4.68 -12.83 -17.16
CA ALA A 2 -5.11 -13.46 -15.88
C ALA A 2 -6.63 -13.30 -15.69
N ALA A 3 -7.41 -13.85 -16.62
CA ALA A 3 -8.87 -13.83 -16.53
C ALA A 3 -9.33 -14.87 -15.53
N THR A 4 -10.28 -14.49 -14.68
CA THR A 4 -10.88 -15.41 -13.71
C THR A 4 -11.44 -16.70 -14.37
N SER A 5 -11.21 -17.83 -13.71
CA SER A 5 -11.69 -19.15 -14.17
C SER A 5 -13.16 -19.39 -13.82
N ARG A 6 -13.68 -18.59 -12.89
CA ARG A 6 -14.98 -18.81 -12.28
C ARG A 6 -16.09 -18.12 -13.11
N PRO A 7 -17.05 -18.92 -13.67
CA PRO A 7 -18.10 -18.31 -14.48
C PRO A 7 -19.12 -17.47 -13.69
N GLU A 8 -19.23 -17.67 -12.37
CA GLU A 8 -20.09 -16.84 -11.51
C GLU A 8 -19.59 -15.41 -11.28
N ARG A 9 -18.27 -15.21 -11.36
CA ARG A 9 -17.69 -13.85 -11.32
C ARG A 9 -17.84 -13.08 -12.64
N VAL A 10 -18.24 -13.77 -13.72
CA VAL A 10 -18.50 -13.13 -15.00
C VAL A 10 -19.88 -12.47 -14.90
N TRP A 11 -19.96 -11.18 -15.22
CA TRP A 11 -21.22 -10.44 -15.09
C TRP A 11 -22.24 -10.92 -16.13
N PRO A 12 -23.44 -11.37 -15.68
CA PRO A 12 -24.49 -11.86 -16.60
C PRO A 12 -24.76 -10.96 -17.82
N ASP A 13 -24.57 -11.55 -19.01
CA ASP A 13 -24.73 -10.87 -20.31
C ASP A 13 -23.78 -9.68 -20.54
N GLY A 14 -22.70 -9.62 -19.76
CA GLY A 14 -21.80 -8.47 -19.77
C GLY A 14 -22.40 -7.16 -19.27
N VAL A 15 -23.42 -7.24 -18.41
CA VAL A 15 -24.13 -6.06 -17.91
C VAL A 15 -23.65 -5.73 -16.50
N ILE A 16 -22.93 -4.62 -16.37
CA ILE A 16 -22.41 -4.16 -15.08
C ILE A 16 -23.18 -2.91 -14.67
N PRO A 17 -24.01 -3.00 -13.62
CA PRO A 17 -24.62 -1.76 -13.11
C PRO A 17 -23.62 -0.93 -12.30
N PHE A 18 -23.71 0.40 -12.39
CA PHE A 18 -22.78 1.29 -11.68
C PHE A 18 -23.46 2.44 -10.95
N VAL A 19 -22.72 3.00 -10.00
CA VAL A 19 -23.07 4.24 -9.31
C VAL A 19 -21.80 5.09 -9.20
N ILE A 20 -21.85 6.33 -9.66
CA ILE A 20 -20.78 7.29 -9.39
C ILE A 20 -21.14 8.01 -8.09
N GLY A 21 -20.27 7.90 -7.10
CA GLY A 21 -20.51 8.49 -5.78
C GLY A 21 -20.34 10.01 -5.74
N GLY A 22 -20.52 10.57 -4.54
CA GLY A 22 -20.32 11.99 -4.30
C GLY A 22 -18.86 12.38 -4.15
N ASN A 23 -18.61 13.68 -4.02
CA ASN A 23 -17.26 14.26 -3.82
C ASN A 23 -16.31 14.23 -5.04
N PHE A 24 -16.80 13.85 -6.21
CA PHE A 24 -16.02 13.95 -7.43
C PHE A 24 -16.37 15.24 -8.15
N THR A 25 -15.39 15.80 -8.85
CA THR A 25 -15.64 16.93 -9.75
C THR A 25 -16.29 16.39 -11.01
N GLY A 26 -16.92 17.29 -11.77
CA GLY A 26 -17.48 16.96 -13.07
C GLY A 26 -16.46 16.36 -14.02
N SER A 27 -15.25 16.93 -14.02
CA SER A 27 -14.14 16.43 -14.82
CA SER A 27 -14.14 16.43 -14.82
C SER A 27 -13.82 14.97 -14.48
N GLN A 28 -13.73 14.67 -13.19
CA GLN A 28 -13.51 13.29 -12.73
C GLN A 28 -14.64 12.35 -13.16
N ARG A 29 -15.89 12.81 -12.99
CA ARG A 29 -17.06 12.04 -13.42
C ARG A 29 -17.01 11.69 -14.91
N ALA A 30 -16.57 12.65 -15.72
CA ALA A 30 -16.41 12.44 -17.15
C ALA A 30 -15.37 11.36 -17.45
N VAL A 31 -14.25 11.40 -16.74
CA VAL A 31 -13.20 10.38 -16.92
C VAL A 31 -13.76 8.98 -16.66
N PHE A 32 -14.56 8.81 -15.61
CA PHE A 32 -15.17 7.49 -15.31
C PHE A 32 -16.05 7.01 -16.45
N ARG A 33 -16.84 7.94 -16.97
CA ARG A 33 -17.69 7.66 -18.12
C ARG A 33 -16.90 7.27 -19.34
N GLN A 34 -15.82 8.00 -19.60
CA GLN A 34 -14.96 7.71 -20.75
C GLN A 34 -14.33 6.32 -20.60
N ALA A 35 -13.86 6.00 -19.40
CA ALA A 35 -13.31 4.67 -19.10
C ALA A 35 -14.31 3.54 -19.34
N MET A 36 -15.53 3.68 -18.81
CA MET A 36 -16.60 2.69 -19.04
C MET A 36 -16.96 2.55 -20.53
N ARG A 37 -17.02 3.69 -21.23
CA ARG A 37 -17.27 3.70 -22.68
C ARG A 37 -16.17 2.96 -23.44
N HIS A 38 -14.92 3.13 -22.99
CA HIS A 38 -13.77 2.47 -23.59
C HIS A 38 -13.90 0.94 -23.54
N TRP A 39 -14.40 0.42 -22.41
CA TRP A 39 -14.72 -1.00 -22.27
C TRP A 39 -15.91 -1.42 -23.16
N GLU A 40 -16.93 -0.56 -23.24
CA GLU A 40 -18.11 -0.81 -24.09
C GLU A 40 -17.81 -0.81 -25.58
N LYS A 41 -16.86 0.00 -26.01
CA LYS A 41 -16.55 0.19 -27.42
C LYS A 41 -15.95 -1.06 -28.06
N HIS A 42 -14.91 -1.60 -27.42
CA HIS A 42 -14.11 -2.68 -27.99
C HIS A 42 -14.61 -4.10 -27.64
N THR A 43 -15.51 -4.21 -26.67
CA THR A 43 -16.04 -5.50 -26.22
C THR A 43 -17.55 -5.43 -26.15
N CYS A 44 -18.20 -6.54 -25.81
CA CYS A 44 -19.67 -6.61 -25.67
C CYS A 44 -20.15 -6.33 -24.23
N VAL A 45 -19.27 -5.81 -23.37
CA VAL A 45 -19.61 -5.47 -21.99
C VAL A 45 -20.41 -4.17 -22.00
N THR A 46 -21.32 -4.01 -21.04
CA THR A 46 -22.17 -2.82 -20.96
C THR A 46 -22.28 -2.29 -19.53
N PHE A 47 -22.16 -0.98 -19.40
CA PHE A 47 -22.29 -0.26 -18.14
C PHE A 47 -23.57 0.57 -18.17
N LEU A 48 -24.41 0.37 -17.13
CA LEU A 48 -25.73 0.97 -17.08
C LEU A 48 -25.96 1.55 -15.68
N GLU A 49 -26.65 2.68 -15.62
CA GLU A 49 -26.92 3.33 -14.34
C GLU A 49 -27.78 2.43 -13.47
N ARG A 50 -27.28 2.10 -12.28
CA ARG A 50 -27.96 1.17 -11.38
C ARG A 50 -29.28 1.76 -10.88
N THR A 51 -30.32 0.92 -10.87
CA THR A 51 -31.66 1.32 -10.46
C THR A 51 -32.08 0.54 -9.21
N ASP A 52 -32.37 -0.75 -9.38
CA ASP A 52 -32.80 -1.63 -8.28
C ASP A 52 -32.04 -2.97 -8.25
N GLU A 53 -30.81 -2.98 -8.81
CA GLU A 53 -30.01 -4.20 -8.86
C GLU A 53 -29.33 -4.47 -7.52
N ASP A 54 -29.08 -5.75 -7.30
CA ASP A 54 -28.39 -6.23 -6.12
C ASP A 54 -26.88 -6.04 -6.26
N SER A 55 -26.40 -6.20 -7.50
CA SER A 55 -24.98 -6.24 -7.84
C SER A 55 -24.59 -4.99 -8.61
N TYR A 56 -23.68 -4.18 -8.08
CA TYR A 56 -23.22 -2.98 -8.80
C TYR A 56 -21.87 -2.45 -8.32
N ILE A 57 -21.21 -1.67 -9.18
CA ILE A 57 -19.92 -1.04 -8.84
C ILE A 57 -20.15 0.40 -8.36
N VAL A 58 -19.37 0.81 -7.36
CA VAL A 58 -19.49 2.14 -6.77
C VAL A 58 -18.16 2.85 -6.87
N PHE A 59 -18.08 3.84 -7.78
CA PHE A 59 -16.93 4.74 -7.86
C PHE A 59 -16.94 5.57 -6.57
N THR A 60 -15.96 5.32 -5.71
CA THR A 60 -15.93 5.87 -4.35
C THR A 60 -14.71 6.76 -4.15
N TYR A 61 -14.95 8.02 -3.80
CA TYR A 61 -13.87 9.00 -3.57
C TYR A 61 -13.16 8.72 -2.25
N ARG A 62 -11.94 8.20 -2.35
CA ARG A 62 -11.12 7.89 -1.18
C ARG A 62 -9.68 7.53 -1.62
N PRO A 63 -8.74 7.40 -0.66
CA PRO A 63 -7.36 7.05 -1.01
C PRO A 63 -7.20 5.83 -1.93
N CYS A 64 -6.14 5.84 -2.72
CA CYS A 64 -5.88 4.80 -3.71
C CYS A 64 -5.46 3.49 -3.06
N GLY A 65 -5.52 2.40 -3.82
CA GLY A 65 -5.04 1.09 -3.39
C GLY A 65 -6.16 0.11 -3.10
N CYS A 66 -6.16 -0.44 -1.88
CA CYS A 66 -7.08 -1.52 -1.52
C CYS A 66 -8.53 -1.03 -1.43
N CYS A 67 -9.51 -1.75 -2.02
CA CYS A 67 -9.31 -2.96 -2.85
C CYS A 67 -10.36 -3.05 -3.95
N SER A 68 -9.96 -3.68 -5.05
CA SER A 68 -10.80 -3.80 -6.23
C SER A 68 -11.17 -5.25 -6.43
N TYR A 69 -12.44 -5.58 -6.21
CA TYR A 69 -12.90 -6.94 -6.36
C TYR A 69 -12.77 -7.36 -7.82
N VAL A 70 -12.25 -8.56 -8.04
CA VAL A 70 -12.09 -9.11 -9.38
C VAL A 70 -13.38 -9.82 -9.80
N GLY A 71 -14.08 -9.28 -10.79
CA GLY A 71 -15.34 -9.86 -11.27
C GLY A 71 -16.55 -9.41 -10.46
N ARG A 72 -17.70 -9.99 -10.77
CA ARG A 72 -18.95 -9.76 -10.02
C ARG A 72 -18.86 -10.45 -8.67
N ARG A 73 -18.91 -9.65 -7.60
CA ARG A 73 -18.99 -10.20 -6.26
C ARG A 73 -20.37 -10.83 -6.03
N GLY A 74 -21.42 -10.04 -6.24
CA GLY A 74 -22.80 -10.52 -6.13
C GLY A 74 -23.39 -10.37 -4.73
N GLY A 75 -24.68 -10.07 -4.67
CA GLY A 75 -25.40 -9.88 -3.41
C GLY A 75 -24.99 -8.63 -2.66
N GLY A 76 -24.81 -7.53 -3.39
CA GLY A 76 -24.43 -6.24 -2.80
C GLY A 76 -23.50 -5.43 -3.70
N PRO A 77 -23.16 -4.20 -3.28
CA PRO A 77 -22.25 -3.35 -4.05
C PRO A 77 -20.78 -3.76 -3.89
N GLN A 78 -19.94 -3.28 -4.81
CA GLN A 78 -18.48 -3.41 -4.69
C GLN A 78 -17.81 -2.09 -5.10
N ALA A 79 -16.87 -1.62 -4.29
CA ALA A 79 -16.31 -0.28 -4.45
C ALA A 79 -15.09 -0.26 -5.38
N ILE A 80 -14.90 0.86 -6.07
CA ILE A 80 -13.65 1.18 -6.76
C ILE A 80 -13.11 2.44 -6.10
N SER A 81 -11.96 2.32 -5.46
CA SER A 81 -11.34 3.46 -4.79
C SER A 81 -10.65 4.34 -5.81
N ILE A 82 -11.13 5.58 -5.95
CA ILE A 82 -10.48 6.58 -6.80
C ILE A 82 -10.10 7.76 -5.94
N GLY A 83 -8.80 8.00 -5.82
CA GLY A 83 -8.24 9.12 -5.10
C GLY A 83 -7.48 10.05 -6.01
N LYS A 84 -6.90 11.08 -5.41
CA LYS A 84 -6.16 12.13 -6.12
C LYS A 84 -5.08 11.61 -7.08
N ASN A 85 -4.38 10.56 -6.65
CA ASN A 85 -3.24 10.00 -7.39
C ASN A 85 -3.56 8.82 -8.33
N CYS A 86 -4.84 8.47 -8.48
CA CYS A 86 -5.23 7.35 -9.33
C CYS A 86 -6.58 7.59 -10.01
N ASP A 87 -6.77 8.81 -10.50
CA ASP A 87 -8.05 9.20 -11.12
C ASP A 87 -7.96 9.36 -12.64
N LYS A 88 -6.80 9.07 -13.23
CA LYS A 88 -6.63 9.23 -14.67
C LYS A 88 -7.28 8.08 -15.45
N PHE A 89 -7.73 8.42 -16.66
CA PHE A 89 -8.43 7.51 -17.56
C PHE A 89 -7.89 6.07 -17.55
N GLY A 90 -6.61 5.92 -17.90
CA GLY A 90 -5.98 4.62 -18.03
C GLY A 90 -5.94 3.80 -16.75
N ILE A 91 -5.75 4.48 -15.63
CA ILE A 91 -5.81 3.81 -14.33
CA ILE A 91 -5.82 3.82 -14.32
C ILE A 91 -7.25 3.35 -14.05
N VAL A 92 -8.24 4.16 -14.40
CA VAL A 92 -9.66 3.78 -14.22
C VAL A 92 -10.02 2.60 -15.12
N VAL A 93 -9.47 2.57 -16.34
CA VAL A 93 -9.67 1.45 -17.26
C VAL A 93 -9.09 0.17 -16.65
N HIS A 94 -7.89 0.27 -16.05
CA HIS A 94 -7.27 -0.84 -15.30
C HIS A 94 -8.20 -1.35 -14.21
N GLU A 95 -8.73 -0.43 -13.41
CA GLU A 95 -9.66 -0.78 -12.35
C GLU A 95 -10.92 -1.49 -12.84
N LEU A 96 -11.45 -1.02 -13.97
CA LEU A 96 -12.60 -1.68 -14.62
C LEU A 96 -12.22 -3.04 -15.22
N GLY A 97 -10.96 -3.20 -15.59
CA GLY A 97 -10.39 -4.53 -15.87
C GLY A 97 -10.53 -5.52 -14.73
N HIS A 98 -10.30 -5.07 -13.50
CA HIS A 98 -10.60 -5.90 -12.34
C HIS A 98 -12.10 -6.22 -12.27
N VAL A 99 -12.93 -5.19 -12.40
CA VAL A 99 -14.40 -5.34 -12.33
C VAL A 99 -14.92 -6.44 -13.25
N VAL A 100 -14.49 -6.46 -14.50
CA VAL A 100 -14.96 -7.46 -15.47
C VAL A 100 -14.45 -8.87 -15.14
N GLY A 101 -13.31 -8.95 -14.47
CA GLY A 101 -12.78 -10.22 -13.92
C GLY A 101 -11.33 -10.57 -14.26
N PHE A 102 -10.46 -9.55 -14.37
CA PHE A 102 -9.05 -9.75 -14.70
C PHE A 102 -8.23 -9.51 -13.42
N TRP A 103 -7.34 -10.45 -13.14
CA TRP A 103 -6.29 -10.27 -12.13
C TRP A 103 -5.12 -9.56 -12.83
N HIS A 104 -4.04 -9.28 -12.09
CA HIS A 104 -2.85 -8.72 -12.74
C HIS A 104 -2.19 -9.75 -13.66
N GLU A 105 -1.75 -9.29 -14.83
CA GLU A 105 -1.13 -10.14 -15.85
C GLU A 105 0.12 -10.87 -15.35
N HIS A 106 0.92 -10.21 -14.52
CA HIS A 106 2.16 -10.81 -14.01
C HIS A 106 1.92 -11.95 -13.01
N THR A 107 0.67 -12.10 -12.53
CA THR A 107 0.30 -13.21 -11.64
C THR A 107 -0.29 -14.43 -12.37
N ARG A 108 -0.28 -14.45 -13.71
CA ARG A 108 -0.73 -15.64 -14.44
C ARG A 108 0.04 -16.88 -13.96
N PRO A 109 -0.63 -18.04 -13.89
CA PRO A 109 0.11 -19.26 -13.49
C PRO A 109 1.33 -19.59 -14.37
N ASP A 110 1.30 -19.16 -15.64
CA ASP A 110 2.44 -19.36 -16.57
C ASP A 110 3.46 -18.20 -16.63
N ARG A 111 3.39 -17.26 -15.69
CA ARG A 111 4.16 -16.00 -15.81
C ARG A 111 5.68 -16.20 -15.74
N ASP A 112 6.13 -17.23 -15.04
CA ASP A 112 7.57 -17.50 -14.92
C ASP A 112 8.28 -17.81 -16.25
N ARG A 113 7.52 -18.19 -17.27
CA ARG A 113 8.10 -18.37 -18.61
C ARG A 113 8.33 -17.03 -19.35
N HIS A 114 7.71 -15.95 -18.84
CA HIS A 114 7.67 -14.65 -19.53
C HIS A 114 8.36 -13.50 -18.79
N VAL A 115 8.30 -13.49 -17.46
CA VAL A 115 8.98 -12.48 -16.66
C VAL A 115 9.76 -13.13 -15.52
N SER A 116 10.87 -12.48 -15.14
CA SER A 116 11.56 -12.75 -13.87
C SER A 116 11.06 -11.73 -12.84
N ILE A 117 10.90 -12.19 -11.59
CA ILE A 117 10.58 -11.32 -10.46
C ILE A 117 11.85 -11.15 -9.64
N VAL A 118 12.29 -9.90 -9.49
CA VAL A 118 13.51 -9.58 -8.76
C VAL A 118 13.13 -9.32 -7.30
N ARG A 119 13.05 -10.40 -6.52
CA ARG A 119 12.52 -10.36 -5.14
C ARG A 119 13.21 -9.37 -4.24
N GLU A 120 14.53 -9.33 -4.36
CA GLU A 120 15.37 -8.44 -3.53
C GLU A 120 15.04 -6.95 -3.70
N ASN A 121 14.41 -6.57 -4.82
CA ASN A 121 13.99 -5.19 -5.07
C ASN A 121 12.57 -4.85 -4.66
N ILE A 122 11.77 -5.83 -4.21
CA ILE A 122 10.40 -5.54 -3.77
C ILE A 122 10.44 -4.90 -2.38
N GLN A 123 9.61 -3.87 -2.18
CA GLN A 123 9.42 -3.26 -0.86
C GLN A 123 9.04 -4.35 0.14
N PRO A 124 9.76 -4.47 1.28
CA PRO A 124 9.37 -5.47 2.28
C PRO A 124 7.92 -5.32 2.71
N GLY A 125 7.20 -6.44 2.73
CA GLY A 125 5.78 -6.45 3.03
C GLY A 125 4.85 -6.38 1.83
N GLN A 126 5.40 -6.14 0.63
CA GLN A 126 4.60 -6.05 -0.60
C GLN A 126 4.84 -7.23 -1.55
N GLU A 127 5.55 -8.26 -1.08
CA GLU A 127 5.92 -9.37 -1.95
C GLU A 127 4.70 -10.17 -2.39
N TYR A 128 3.69 -10.24 -1.53
CA TYR A 128 2.44 -10.93 -1.86
C TYR A 128 1.79 -10.46 -3.16
N ASN A 129 2.03 -9.20 -3.55
CA ASN A 129 1.53 -8.66 -4.83
C ASN A 129 2.13 -9.33 -6.07
N PHE A 130 3.18 -10.12 -5.88
CA PHE A 130 3.86 -10.80 -6.97
C PHE A 130 3.65 -12.31 -6.96
N LEU A 131 2.90 -12.82 -5.98
CA LEU A 131 2.52 -14.23 -5.96
C LEU A 131 1.71 -14.58 -7.19
N LYS A 132 2.03 -15.72 -7.80
CA LYS A 132 1.20 -16.26 -8.87
C LYS A 132 -0.19 -16.60 -8.34
N MET A 133 -1.20 -16.41 -9.19
CA MET A 133 -2.51 -16.95 -8.95
C MET A 133 -2.36 -18.47 -9.01
N GLU A 134 -3.01 -19.18 -8.09
CA GLU A 134 -3.04 -20.64 -8.15
C GLU A 134 -3.79 -21.05 -9.43
N PRO A 135 -3.37 -22.15 -10.08
CA PRO A 135 -3.87 -22.47 -11.44
C PRO A 135 -5.39 -22.66 -11.56
N GLN A 136 -6.05 -23.05 -10.48
CA GLN A 136 -7.51 -23.20 -10.47
C GLN A 136 -8.28 -21.87 -10.46
N GLU A 137 -7.59 -20.74 -10.25
CA GLU A 137 -8.25 -19.43 -10.20
C GLU A 137 -8.28 -18.69 -11.54
N VAL A 138 -7.52 -19.16 -12.53
CA VAL A 138 -7.34 -18.43 -13.79
C VAL A 138 -7.51 -19.36 -15.00
N GLU A 139 -8.11 -18.83 -16.06
CA GLU A 139 -8.15 -19.50 -17.36
C GLU A 139 -7.82 -18.47 -18.45
N SER A 140 -6.67 -18.64 -19.09
CA SER A 140 -6.17 -17.69 -20.09
C SER A 140 -6.88 -17.72 -21.45
N LEU A 141 -7.71 -18.74 -21.68
CA LEU A 141 -8.54 -18.87 -22.89
C LEU A 141 -7.67 -18.94 -24.15
N GLY A 142 -6.53 -19.61 -24.05
CA GLY A 142 -5.58 -19.72 -25.16
C GLY A 142 -4.76 -18.48 -25.51
N GLU A 143 -4.98 -17.36 -24.80
CA GLU A 143 -4.30 -16.10 -25.11
C GLU A 143 -2.91 -16.11 -24.48
N THR A 144 -1.94 -15.60 -25.23
CA THR A 144 -0.55 -15.55 -24.79
C THR A 144 -0.38 -14.51 -23.70
N TYR A 145 0.72 -14.62 -22.97
CA TYR A 145 1.10 -13.64 -21.96
C TYR A 145 1.18 -12.28 -22.64
N ASP A 146 0.43 -11.31 -22.12
CA ASP A 146 0.29 -10.00 -22.75
C ASP A 146 1.10 -8.92 -22.00
N PHE A 147 2.30 -8.63 -22.51
CA PHE A 147 3.17 -7.59 -21.94
C PHE A 147 2.54 -6.19 -22.03
N ASP A 148 1.70 -5.97 -23.04
CA ASP A 148 1.01 -4.69 -23.27
C ASP A 148 -0.31 -4.53 -22.51
N SER A 149 -0.76 -5.55 -21.77
CA SER A 149 -2.01 -5.46 -21.03
C SER A 149 -2.08 -4.23 -20.14
N ILE A 150 -3.28 -3.62 -20.08
CA ILE A 150 -3.57 -2.58 -19.11
C ILE A 150 -3.49 -3.13 -17.65
N MET A 151 -3.55 -4.46 -17.50
CA MET A 151 -3.40 -5.14 -16.20
C MET A 151 -1.97 -5.54 -15.84
N HIS A 152 -0.98 -5.17 -16.67
CA HIS A 152 0.40 -5.56 -16.41
C HIS A 152 1.09 -4.48 -15.57
N TYR A 153 1.81 -4.91 -14.53
CA TYR A 153 2.63 -4.01 -13.70
C TYR A 153 3.71 -3.34 -14.56
N ALA A 154 4.19 -2.19 -14.11
CA ALA A 154 5.39 -1.57 -14.66
C ALA A 154 6.63 -2.32 -14.16
N ARG A 155 7.76 -2.03 -14.78
CA ARG A 155 9.05 -2.65 -14.41
C ARG A 155 9.48 -2.48 -12.94
N ASN A 156 9.02 -1.40 -12.31
CA ASN A 156 9.48 -0.99 -10.97
C ASN A 156 8.31 -0.80 -10.01
N THR A 157 7.19 -1.48 -10.28
CA THR A 157 6.05 -1.45 -9.37
C THR A 157 6.43 -2.11 -8.04
N PHE A 158 6.02 -1.47 -6.95
CA PHE A 158 6.38 -1.86 -5.57
C PHE A 158 7.88 -2.05 -5.34
N SER A 159 8.71 -1.30 -6.05
CA SER A 159 10.16 -1.44 -5.95
C SER A 159 10.68 -0.63 -4.78
N ARG A 160 11.82 -1.05 -4.23
CA ARG A 160 12.52 -0.26 -3.21
C ARG A 160 12.93 1.12 -3.73
N GLY A 161 13.19 1.22 -5.03
CA GLY A 161 13.53 2.50 -5.65
C GLY A 161 13.19 2.50 -7.13
N ILE A 162 13.03 3.68 -7.70
CA ILE A 162 12.59 3.84 -9.10
C ILE A 162 13.57 3.24 -10.12
N PHE A 163 14.87 3.28 -9.80
CA PHE A 163 15.90 2.69 -10.64
C PHE A 163 16.18 1.20 -10.36
N LEU A 164 15.34 0.56 -9.54
CA LEU A 164 15.43 -0.87 -9.32
C LEU A 164 14.19 -1.58 -9.87
N ASP A 165 14.41 -2.54 -10.77
CA ASP A 165 13.32 -3.32 -11.36
C ASP A 165 12.85 -4.42 -10.44
N THR A 166 11.53 -4.57 -10.33
CA THR A 166 10.91 -5.73 -9.69
C THR A 166 10.49 -6.79 -10.70
N ILE A 167 10.21 -6.38 -11.94
CA ILE A 167 9.79 -7.29 -13.01
C ILE A 167 10.62 -7.04 -14.26
N VAL A 168 11.22 -8.10 -14.79
CA VAL A 168 12.08 -8.04 -15.99
C VAL A 168 11.59 -9.09 -17.00
N PRO A 169 11.04 -8.66 -18.14
CA PRO A 169 10.69 -9.61 -19.22
C PRO A 169 11.86 -10.51 -19.64
N LYS A 170 11.56 -11.78 -19.89
CA LYS A 170 12.59 -12.80 -20.08
C LYS A 170 13.21 -12.87 -21.47
N TYR A 171 12.49 -12.37 -22.48
CA TYR A 171 12.92 -12.47 -23.88
C TYR A 171 12.57 -11.22 -24.68
N GLU A 172 13.21 -11.09 -25.84
CA GLU A 172 12.96 -9.99 -26.77
C GLU A 172 11.70 -10.25 -27.63
N VAL A 173 10.97 -9.18 -27.92
CA VAL A 173 9.75 -9.23 -28.73
C VAL A 173 9.89 -8.17 -29.83
N ASN A 174 10.04 -8.63 -31.08
CA ASN A 174 10.28 -7.75 -32.23
C ASN A 174 11.52 -6.86 -32.01
N GLY A 175 12.64 -7.51 -31.68
CA GLY A 175 13.95 -6.84 -31.56
C GLY A 175 14.41 -6.41 -30.17
N VAL A 176 13.48 -6.17 -29.24
CA VAL A 176 13.80 -5.58 -27.92
C VAL A 176 12.97 -6.19 -26.81
N LYS A 177 13.43 -6.05 -25.56
CA LYS A 177 12.62 -6.40 -24.38
C LYS A 177 11.32 -5.58 -24.41
N PRO A 178 10.16 -6.25 -24.26
CA PRO A 178 8.89 -5.53 -24.40
C PRO A 178 8.64 -4.55 -23.26
N PRO A 179 8.10 -3.35 -23.57
CA PRO A 179 7.71 -2.47 -22.48
C PRO A 179 6.51 -3.02 -21.72
N ILE A 180 6.48 -2.75 -20.43
CA ILE A 180 5.39 -3.21 -19.57
C ILE A 180 4.92 -2.03 -18.71
N GLY A 181 3.63 -2.05 -18.37
CA GLY A 181 3.05 -1.08 -17.43
C GLY A 181 2.29 0.06 -18.06
N GLN A 182 1.91 -0.09 -19.33
CA GLN A 182 1.20 0.98 -20.05
C GLN A 182 -0.18 1.22 -19.43
N ARG A 183 -0.54 2.49 -19.26
CA ARG A 183 -1.88 2.86 -18.78
C ARG A 183 -2.48 3.93 -19.71
N THR A 184 -2.52 3.59 -20.99
CA THR A 184 -3.03 4.45 -22.03
C THR A 184 -4.37 3.93 -22.53
N ARG A 185 -4.39 2.67 -22.97
CA ARG A 185 -5.57 2.06 -23.56
C ARG A 185 -5.53 0.55 -23.43
N LEU A 186 -6.70 -0.07 -23.54
CA LEU A 186 -6.79 -1.52 -23.63
C LEU A 186 -5.93 -2.06 -24.78
N SER A 187 -5.16 -3.09 -24.47
CA SER A 187 -4.31 -3.75 -25.46
C SER A 187 -5.15 -4.59 -26.41
N LYS A 188 -4.59 -4.86 -27.58
CA LYS A 188 -5.13 -5.86 -28.52
C LYS A 188 -5.42 -7.17 -27.76
N GLY A 189 -4.48 -7.57 -26.90
CA GLY A 189 -4.62 -8.75 -26.06
C GLY A 189 -5.73 -8.66 -25.03
N ASP A 190 -5.87 -7.51 -24.37
CA ASP A 190 -6.95 -7.27 -23.39
C ASP A 190 -8.33 -7.42 -24.02
N ILE A 191 -8.49 -6.83 -25.21
CA ILE A 191 -9.76 -6.87 -25.93
C ILE A 191 -10.03 -8.30 -26.39
N ALA A 192 -9.08 -8.86 -27.13
CA ALA A 192 -9.20 -10.24 -27.65
C ALA A 192 -9.59 -11.21 -26.54
N GLN A 193 -8.94 -11.08 -25.38
CA GLN A 193 -9.21 -11.95 -24.22
C GLN A 193 -10.53 -11.64 -23.53
N ALA A 194 -10.87 -10.35 -23.40
CA ALA A 194 -12.16 -9.94 -22.83
C ALA A 194 -13.35 -10.38 -23.69
N ARG A 195 -13.18 -10.30 -25.02
CA ARG A 195 -14.17 -10.84 -25.97
C ARG A 195 -14.41 -12.34 -25.78
N LYS A 196 -13.34 -13.10 -25.58
CA LYS A 196 -13.43 -14.54 -25.28
C LYS A 196 -14.14 -14.83 -23.95
N LEU A 197 -13.82 -14.06 -22.90
CA LEU A 197 -14.41 -14.28 -21.58
C LEU A 197 -15.91 -14.03 -21.53
N TYR A 198 -16.38 -13.07 -22.32
CA TYR A 198 -17.82 -12.73 -22.39
C TYR A 198 -18.56 -13.28 -23.63
N LYS A 199 -17.90 -14.17 -24.39
CA LYS A 199 -18.48 -14.77 -25.60
C LYS A 199 -19.11 -13.72 -26.55
N CYS A 200 -18.32 -12.70 -26.88
CA CYS A 200 -18.81 -11.60 -27.70
C CYS A 200 -18.85 -12.00 -29.19
N PRO A 201 -19.84 -11.49 -29.96
CA PRO A 201 -19.91 -11.84 -31.38
C PRO A 201 -18.73 -11.29 -32.19
N ALA B 2 -0.43 3.49 19.02
CA ALA B 2 0.06 3.44 20.41
C ALA B 2 1.16 4.49 20.61
N ALA B 3 1.00 5.36 21.59
CA ALA B 3 2.03 6.35 21.93
C ALA B 3 2.50 6.14 23.35
N THR B 4 3.67 6.67 23.68
CA THR B 4 4.17 6.63 25.06
C THR B 4 3.23 7.37 26.02
N SER B 5 3.12 6.84 27.24
CA SER B 5 2.37 7.45 28.31
C SER B 5 3.26 8.33 29.21
N ARG B 6 4.56 8.32 28.95
CA ARG B 6 5.53 9.02 29.78
C ARG B 6 5.69 10.48 29.34
N PRO B 7 5.26 11.45 30.18
CA PRO B 7 5.35 12.88 29.85
C PRO B 7 6.74 13.34 29.46
N GLU B 8 7.75 12.85 30.17
CA GLU B 8 9.15 13.21 29.93
C GLU B 8 9.67 12.81 28.54
N ARG B 9 9.01 11.85 27.90
CA ARG B 9 9.36 11.45 26.54
C ARG B 9 8.68 12.25 25.44
N VAL B 10 7.75 13.13 25.79
CA VAL B 10 7.07 13.95 24.80
C VAL B 10 7.93 15.20 24.60
N TRP B 11 8.32 15.51 23.36
CA TRP B 11 9.19 16.65 23.08
C TRP B 11 8.48 17.97 23.48
N PRO B 12 9.11 18.80 24.36
CA PRO B 12 8.46 20.04 24.81
C PRO B 12 7.99 20.92 23.66
N ASP B 13 6.71 21.32 23.73
CA ASP B 13 6.06 22.17 22.72
CA ASP B 13 6.07 22.18 22.72
C ASP B 13 6.11 21.56 21.31
N GLY B 14 6.32 20.24 21.25
CA GLY B 14 6.49 19.53 19.98
C GLY B 14 7.71 19.92 19.15
N VAL B 15 8.73 20.51 19.78
CA VAL B 15 9.89 21.00 19.06
C VAL B 15 10.97 19.93 19.09
N ILE B 16 11.43 19.51 17.92
CA ILE B 16 12.46 18.46 17.79
C ILE B 16 13.62 19.00 16.97
N PRO B 17 14.66 19.53 17.63
CA PRO B 17 15.80 19.99 16.84
C PRO B 17 16.53 18.78 16.23
N PHE B 18 17.15 18.99 15.06
CA PHE B 18 17.89 17.92 14.38
C PHE B 18 19.25 18.35 13.86
N VAL B 19 20.10 17.34 13.69
CA VAL B 19 21.35 17.47 12.93
C VAL B 19 21.44 16.27 12.00
N ILE B 20 21.99 16.49 10.80
CA ILE B 20 22.27 15.41 9.88
C ILE B 20 23.76 15.14 9.96
N GLY B 21 24.12 13.91 10.29
CA GLY B 21 25.51 13.53 10.41
C GLY B 21 26.20 13.39 9.06
N GLY B 22 27.42 12.88 9.10
CA GLY B 22 28.26 12.79 7.94
C GLY B 22 27.94 11.62 7.04
N ASN B 23 28.35 11.77 5.78
CA ASN B 23 28.41 10.69 4.81
C ASN B 23 27.09 10.25 4.21
N PHE B 24 26.13 11.17 4.12
CA PHE B 24 24.92 10.98 3.36
C PHE B 24 25.01 11.75 2.05
N THR B 25 24.39 11.22 1.00
CA THR B 25 24.33 11.95 -0.27
C THR B 25 23.33 13.10 -0.11
N GLY B 26 23.44 14.09 -0.99
CA GLY B 26 22.46 15.18 -1.07
C GLY B 26 21.02 14.71 -1.22
N SER B 27 20.83 13.67 -2.01
CA SER B 27 19.53 13.06 -2.18
C SER B 27 19.01 12.45 -0.86
N GLN B 28 19.87 11.72 -0.15
CA GLN B 28 19.47 11.11 1.12
C GLN B 28 19.08 12.18 2.13
N ARG B 29 19.85 13.26 2.19
CA ARG B 29 19.53 14.37 3.09
C ARG B 29 18.20 15.01 2.73
N ALA B 30 17.89 15.11 1.43
CA ALA B 30 16.61 15.64 0.99
C ALA B 30 15.44 14.73 1.44
N VAL B 31 15.66 13.42 1.43
CA VAL B 31 14.66 12.47 1.95
C VAL B 31 14.39 12.71 3.45
N PHE B 32 15.44 12.96 4.24
CA PHE B 32 15.26 13.24 5.67
C PHE B 32 14.39 14.49 5.88
N ARG B 33 14.72 15.57 5.18
CA ARG B 33 13.93 16.80 5.25
C ARG B 33 12.48 16.62 4.76
N GLN B 34 12.32 15.85 3.68
CA GLN B 34 11.01 15.49 3.12
C GLN B 34 10.15 14.80 4.19
N ALA B 35 10.74 13.82 4.87
CA ALA B 35 10.05 13.05 5.89
C ALA B 35 9.68 13.93 7.09
N MET B 36 10.60 14.78 7.51
CA MET B 36 10.31 15.73 8.60
C MET B 36 9.21 16.72 8.17
N ARG B 37 9.28 17.23 6.94
CA ARG B 37 8.24 18.14 6.44
C ARG B 37 6.87 17.49 6.35
N HIS B 38 6.84 16.20 6.01
CA HIS B 38 5.59 15.43 6.01
C HIS B 38 4.92 15.43 7.40
N TRP B 39 5.71 15.18 8.43
CA TRP B 39 5.24 15.31 9.81
C TRP B 39 4.73 16.72 10.13
N GLU B 40 5.46 17.74 9.68
CA GLU B 40 5.08 19.13 9.92
C GLU B 40 3.80 19.56 9.20
N LYS B 41 3.55 18.97 8.03
CA LYS B 41 2.39 19.29 7.21
C LYS B 41 1.06 18.89 7.86
N HIS B 42 1.07 17.77 8.58
CA HIS B 42 -0.15 17.18 9.14
C HIS B 42 -0.29 17.28 10.67
N THR B 43 0.75 17.75 11.36
CA THR B 43 0.76 17.86 12.82
C THR B 43 1.34 19.20 13.23
N CYS B 44 1.30 19.50 14.53
CA CYS B 44 1.94 20.71 15.08
C CYS B 44 3.39 20.47 15.58
N VAL B 45 3.98 19.34 15.21
CA VAL B 45 5.39 19.06 15.52
C VAL B 45 6.27 19.95 14.64
N THR B 46 7.37 20.44 15.20
CA THR B 46 8.33 21.30 14.52
C THR B 46 9.72 20.66 14.55
N PHE B 47 10.26 20.37 13.36
CA PHE B 47 11.66 19.98 13.20
C PHE B 47 12.46 21.19 12.75
N LEU B 48 13.59 21.47 13.40
CA LEU B 48 14.45 22.57 12.97
C LEU B 48 15.90 22.26 13.24
N GLU B 49 16.76 22.90 12.44
CA GLU B 49 18.18 22.71 12.54
C GLU B 49 18.64 23.11 13.94
N ARG B 50 19.29 22.18 14.61
CA ARG B 50 19.77 22.36 15.96
C ARG B 50 20.84 23.45 16.00
N THR B 51 20.78 24.28 17.04
CA THR B 51 21.80 25.31 17.27
C THR B 51 22.33 25.17 18.69
N ASP B 52 21.51 25.56 19.67
CA ASP B 52 21.94 25.59 21.06
C ASP B 52 21.15 24.63 21.95
N GLU B 53 20.26 23.81 21.37
CA GLU B 53 19.38 22.99 22.19
C GLU B 53 20.18 21.83 22.80
N ASP B 54 19.87 21.50 24.04
CA ASP B 54 20.56 20.41 24.73
C ASP B 54 20.24 19.04 24.14
N SER B 55 18.96 18.80 23.85
CA SER B 55 18.48 17.51 23.39
C SER B 55 17.96 17.64 21.96
N TYR B 56 18.27 16.64 21.14
CA TYR B 56 17.99 16.69 19.71
C TYR B 56 18.29 15.34 19.06
N ILE B 57 17.86 15.20 17.81
CA ILE B 57 18.04 13.97 17.06
C ILE B 57 19.17 14.15 16.06
N VAL B 58 19.89 13.07 15.78
CA VAL B 58 20.99 13.09 14.82
C VAL B 58 20.78 11.94 13.83
N PHE B 59 20.57 12.28 12.55
CA PHE B 59 20.51 11.24 11.50
C PHE B 59 21.94 10.75 11.34
N THR B 60 22.19 9.48 11.59
CA THR B 60 23.53 8.96 11.72
C THR B 60 23.72 7.78 10.78
N TYR B 61 24.78 7.86 9.98
CA TYR B 61 25.17 6.80 9.05
C TYR B 61 25.70 5.63 9.85
N ARG B 62 24.91 4.57 9.93
CA ARG B 62 25.34 3.33 10.59
C ARG B 62 24.33 2.21 10.30
N PRO B 63 24.62 0.98 10.78
CA PRO B 63 23.71 -0.11 10.44
C PRO B 63 22.30 0.11 10.97
N CYS B 64 21.32 -0.35 10.20
CA CYS B 64 19.92 -0.25 10.57
C CYS B 64 19.64 -1.07 11.82
N GLY B 65 19.09 -0.44 12.86
CA GLY B 65 18.91 -1.10 14.17
C GLY B 65 17.64 -1.91 14.33
N CYS B 66 17.58 -2.72 15.39
CA CYS B 66 16.34 -3.45 15.77
C CYS B 66 15.37 -2.63 16.59
N CYS B 67 15.88 -1.81 17.48
CA CYS B 67 15.12 -1.48 18.68
C CYS B 67 15.17 0.01 18.95
N SER B 68 14.52 0.76 18.05
CA SER B 68 14.55 2.23 18.06
C SER B 68 13.98 2.79 19.36
N TYR B 69 14.63 3.82 19.89
CA TYR B 69 14.19 4.47 21.12
C TYR B 69 12.89 5.23 20.82
N VAL B 70 11.96 5.21 21.75
CA VAL B 70 10.66 5.84 21.55
C VAL B 70 10.57 7.11 22.40
N GLY B 71 10.49 8.25 21.73
CA GLY B 71 10.35 9.54 22.39
C GLY B 71 11.69 10.24 22.60
N ARG B 72 11.64 11.31 23.38
CA ARG B 72 12.80 12.12 23.71
C ARG B 72 13.61 11.42 24.82
N ARG B 73 14.86 11.08 24.50
CA ARG B 73 15.77 10.43 25.43
C ARG B 73 16.14 11.42 26.53
N GLY B 74 16.39 12.67 26.14
CA GLY B 74 16.78 13.70 27.08
C GLY B 74 18.26 13.59 27.43
N GLY B 75 18.79 14.66 28.01
CA GLY B 75 20.18 14.70 28.45
C GLY B 75 21.22 14.63 27.35
N GLY B 76 20.86 15.05 26.14
CA GLY B 76 21.83 15.09 25.03
C GLY B 76 21.24 14.60 23.72
N PRO B 77 22.09 14.45 22.70
CA PRO B 77 21.60 13.95 21.41
C PRO B 77 21.19 12.49 21.43
N GLN B 78 20.31 12.12 20.51
CA GLN B 78 19.97 10.73 20.26
C GLN B 78 20.02 10.45 18.75
N ALA B 79 20.48 9.25 18.41
CA ALA B 79 20.68 8.86 17.01
C ALA B 79 19.42 8.29 16.38
N ILE B 80 19.20 8.61 15.11
CA ILE B 80 18.37 7.78 14.22
C ILE B 80 19.35 7.12 13.25
N SER B 81 19.42 5.78 13.32
CA SER B 81 20.36 5.01 12.52
C SER B 81 19.81 4.89 11.10
N ILE B 82 20.54 5.41 10.13
CA ILE B 82 20.17 5.28 8.71
C ILE B 82 21.26 4.50 8.00
N GLY B 83 20.88 3.32 7.52
CA GLY B 83 21.76 2.49 6.70
C GLY B 83 21.11 2.22 5.35
N LYS B 84 21.83 1.46 4.53
CA LYS B 84 21.37 1.09 3.19
C LYS B 84 19.99 0.43 3.17
N ASN B 85 19.67 -0.32 4.22
CA ASN B 85 18.40 -1.04 4.33
C ASN B 85 17.24 -0.23 4.94
N CYS B 86 17.43 1.07 5.20
CA CYS B 86 16.44 1.82 5.96
C CYS B 86 16.55 3.34 5.77
N ASP B 87 16.71 3.76 4.51
CA ASP B 87 16.85 5.18 4.16
C ASP B 87 15.75 5.77 3.26
N LYS B 88 14.72 4.98 2.93
CA LYS B 88 13.64 5.46 2.09
C LYS B 88 12.64 6.30 2.88
N PHE B 89 11.94 7.18 2.17
CA PHE B 89 11.02 8.16 2.74
C PHE B 89 10.11 7.55 3.82
N GLY B 90 9.39 6.50 3.46
CA GLY B 90 8.40 5.91 4.34
C GLY B 90 8.99 5.33 5.60
N ILE B 91 10.17 4.70 5.45
CA ILE B 91 10.90 4.16 6.57
C ILE B 91 11.39 5.28 7.49
N VAL B 92 11.82 6.39 6.91
CA VAL B 92 12.24 7.53 7.75
C VAL B 92 11.02 8.10 8.48
N VAL B 93 9.87 8.17 7.80
CA VAL B 93 8.65 8.65 8.44
C VAL B 93 8.33 7.74 9.62
N HIS B 94 8.41 6.43 9.43
CA HIS B 94 8.22 5.46 10.54
C HIS B 94 9.17 5.74 11.71
N GLU B 95 10.47 5.88 11.42
CA GLU B 95 11.46 6.13 12.47
C GLU B 95 11.22 7.45 13.18
N LEU B 96 10.80 8.47 12.45
CA LEU B 96 10.42 9.73 13.08
C LEU B 96 9.19 9.56 13.98
N GLY B 97 8.29 8.66 13.61
CA GLY B 97 7.23 8.19 14.49
C GLY B 97 7.70 7.73 15.85
N HIS B 98 8.75 6.90 15.87
CA HIS B 98 9.31 6.49 17.15
C HIS B 98 9.86 7.69 17.93
N VAL B 99 10.65 8.53 17.24
CA VAL B 99 11.18 9.77 17.83
C VAL B 99 10.08 10.62 18.50
N VAL B 100 8.95 10.79 17.83
CA VAL B 100 7.87 11.64 18.39
C VAL B 100 7.18 10.98 19.60
N GLY B 101 7.31 9.65 19.69
CA GLY B 101 6.81 8.87 20.83
C GLY B 101 5.84 7.76 20.49
N PHE B 102 5.85 7.25 19.25
CA PHE B 102 4.95 6.17 18.83
C PHE B 102 5.61 4.78 18.96
N TRP B 103 4.86 3.83 19.50
CA TRP B 103 5.23 2.42 19.47
C TRP B 103 4.73 1.79 18.18
N HIS B 104 5.13 0.55 17.98
CA HIS B 104 4.52 -0.29 16.95
C HIS B 104 3.07 -0.61 17.30
N GLU B 105 2.19 -0.40 16.32
CA GLU B 105 0.77 -0.61 16.52
C GLU B 105 0.41 -2.06 16.93
N HIS B 106 1.11 -3.05 16.36
CA HIS B 106 0.83 -4.46 16.64
C HIS B 106 1.16 -4.90 18.05
N THR B 107 1.92 -4.10 18.79
CA THR B 107 2.20 -4.40 20.21
C THR B 107 1.21 -3.77 21.19
N ARG B 108 0.12 -3.17 20.68
CA ARG B 108 -0.93 -2.64 21.56
C ARG B 108 -1.45 -3.72 22.50
N PRO B 109 -1.74 -3.35 23.77
CA PRO B 109 -2.30 -4.32 24.71
C PRO B 109 -3.55 -5.03 24.20
N ASP B 110 -4.35 -4.37 23.36
CA ASP B 110 -5.60 -4.94 22.84
C ASP B 110 -5.45 -5.58 21.45
N ARG B 111 -4.21 -5.77 20.99
CA ARG B 111 -3.94 -6.19 19.60
C ARG B 111 -4.52 -7.56 19.24
N ASP B 112 -4.69 -8.47 20.19
CA ASP B 112 -5.28 -9.81 19.90
C ASP B 112 -6.72 -9.75 19.43
N ARG B 113 -7.41 -8.64 19.68
CA ARG B 113 -8.74 -8.42 19.12
C ARG B 113 -8.72 -8.22 17.60
N HIS B 114 -7.58 -7.73 17.08
CA HIS B 114 -7.48 -7.22 15.73
C HIS B 114 -6.54 -7.99 14.82
N VAL B 115 -5.49 -8.59 15.39
CA VAL B 115 -4.54 -9.41 14.62
C VAL B 115 -4.21 -10.73 15.32
N SER B 116 -3.91 -11.74 14.49
CA SER B 116 -3.30 -12.97 14.96
C SER B 116 -1.81 -12.89 14.71
N ILE B 117 -1.02 -13.35 15.69
CA ILE B 117 0.39 -13.53 15.53
C ILE B 117 0.61 -15.00 15.21
N VAL B 118 1.21 -15.27 14.04
CA VAL B 118 1.47 -16.63 13.61
C VAL B 118 2.85 -17.03 14.10
N ARG B 119 2.89 -17.52 15.33
CA ARG B 119 4.15 -17.75 16.05
C ARG B 119 5.07 -18.77 15.36
N GLU B 120 4.49 -19.81 14.76
CA GLU B 120 5.30 -20.82 14.03
C GLU B 120 6.14 -20.25 12.86
N ASN B 121 5.76 -19.08 12.35
CA ASN B 121 6.48 -18.40 11.26
C ASN B 121 7.49 -17.34 11.70
N ILE B 122 7.56 -17.02 13.00
CA ILE B 122 8.54 -16.02 13.46
C ILE B 122 9.95 -16.63 13.43
N GLN B 123 10.90 -15.91 12.82
CA GLN B 123 12.32 -16.29 12.85
C GLN B 123 12.76 -16.50 14.29
N PRO B 124 13.37 -17.67 14.60
CA PRO B 124 13.84 -17.87 15.97
C PRO B 124 14.73 -16.74 16.47
N GLY B 125 14.49 -16.33 17.71
CA GLY B 125 15.16 -15.16 18.28
C GLY B 125 14.51 -13.81 18.01
N GLN B 126 13.49 -13.75 17.16
CA GLN B 126 12.81 -12.48 16.84
C GLN B 126 11.42 -12.31 17.47
N GLU B 127 11.08 -13.23 18.38
CA GLU B 127 9.75 -13.27 19.01
C GLU B 127 9.52 -12.04 19.86
N TYR B 128 10.62 -11.51 20.43
CA TYR B 128 10.53 -10.34 21.31
C TYR B 128 9.91 -9.12 20.62
N ASN B 129 10.04 -9.02 19.29
CA ASN B 129 9.44 -7.94 18.50
C ASN B 129 7.90 -7.99 18.47
N PHE B 130 7.31 -9.12 18.88
CA PHE B 130 5.86 -9.35 18.81
C PHE B 130 5.11 -9.36 20.15
N LEU B 131 5.84 -9.21 21.26
CA LEU B 131 5.24 -9.18 22.59
C LEU B 131 4.42 -7.93 22.76
N LYS B 132 3.25 -8.07 23.38
CA LYS B 132 2.41 -6.93 23.67
C LYS B 132 3.08 -6.09 24.73
N MET B 133 2.89 -4.77 24.62
CA MET B 133 3.33 -3.85 25.66
CA MET B 133 3.32 -3.83 25.65
C MET B 133 2.34 -3.95 26.81
N GLU B 134 2.77 -3.52 28.00
CA GLU B 134 1.88 -3.42 29.15
C GLU B 134 1.13 -2.08 29.03
N PRO B 135 -0.15 -2.04 29.45
CA PRO B 135 -0.95 -0.81 29.35
C PRO B 135 -0.35 0.44 29.98
N GLN B 136 0.37 0.27 31.09
CA GLN B 136 0.97 1.42 31.77
C GLN B 136 1.86 2.27 30.84
N GLU B 137 2.52 1.62 29.86
CA GLU B 137 3.42 2.30 28.92
C GLU B 137 2.76 2.91 27.68
N VAL B 138 1.46 2.72 27.52
CA VAL B 138 0.74 3.15 26.33
C VAL B 138 -0.38 4.11 26.71
N GLU B 139 -0.46 5.19 25.96
CA GLU B 139 -1.69 5.97 25.90
C GLU B 139 -2.27 5.72 24.50
N SER B 140 -3.44 5.09 24.48
CA SER B 140 -4.14 4.76 23.24
C SER B 140 -4.88 5.99 22.69
N LEU B 141 -5.10 6.99 23.55
CA LEU B 141 -5.62 8.32 23.15
C LEU B 141 -6.99 8.27 22.48
N GLY B 142 -7.81 7.30 22.89
CA GLY B 142 -9.12 7.07 22.29
C GLY B 142 -9.09 6.59 20.84
N GLU B 143 -7.93 6.13 20.35
CA GLU B 143 -7.79 5.73 18.94
C GLU B 143 -8.07 4.24 18.74
N THR B 144 -8.81 3.90 17.67
CA THR B 144 -9.09 2.50 17.32
C THR B 144 -7.84 1.87 16.73
N TYR B 145 -7.86 0.55 16.58
CA TYR B 145 -6.71 -0.18 16.02
C TYR B 145 -6.48 0.17 14.56
N ASP B 146 -5.30 0.72 14.26
CA ASP B 146 -5.02 1.32 12.97
C ASP B 146 -4.17 0.38 12.10
N PHE B 147 -4.85 -0.45 11.33
CA PHE B 147 -4.17 -1.33 10.36
C PHE B 147 -3.35 -0.53 9.35
N ASP B 148 -3.82 0.68 9.01
CA ASP B 148 -3.18 1.57 8.03
CA ASP B 148 -3.13 1.51 8.01
C ASP B 148 -1.97 2.35 8.57
N SER B 149 -1.64 2.19 9.85
CA SER B 149 -0.59 3.03 10.45
C SER B 149 0.78 2.85 9.80
N ILE B 150 1.50 3.96 9.64
CA ILE B 150 2.90 3.94 9.28
C ILE B 150 3.74 3.09 10.28
N MET B 151 3.22 2.91 11.51
CA MET B 151 3.87 2.12 12.56
C MET B 151 3.47 0.65 12.60
N HIS B 152 2.62 0.20 11.67
CA HIS B 152 2.18 -1.19 11.68
C HIS B 152 3.16 -2.05 10.90
N TYR B 153 3.58 -3.17 11.49
CA TYR B 153 4.39 -4.16 10.79
C TYR B 153 3.65 -4.66 9.54
N ALA B 154 4.43 -5.10 8.56
CA ALA B 154 3.90 -5.81 7.42
C ALA B 154 3.47 -7.21 7.82
N ARG B 155 2.74 -7.88 6.92
CA ARG B 155 2.24 -9.23 7.16
C ARG B 155 3.31 -10.29 7.44
N ASN B 156 4.53 -10.06 6.97
CA ASN B 156 5.60 -11.06 6.97
C ASN B 156 6.88 -10.53 7.60
N THR B 157 6.75 -9.54 8.48
CA THR B 157 7.89 -8.98 9.15
C THR B 157 8.47 -10.07 10.04
N PHE B 158 9.80 -10.19 10.00
CA PHE B 158 10.54 -11.21 10.76
C PHE B 158 10.07 -12.65 10.54
N SER B 159 9.62 -12.95 9.31
CA SER B 159 9.13 -14.28 9.00
C SER B 159 10.27 -15.19 8.51
N ARG B 160 10.09 -16.49 8.74
CA ARG B 160 10.95 -17.54 8.19
C ARG B 160 10.99 -17.52 6.64
N GLY B 161 9.92 -17.04 5.99
CA GLY B 161 9.90 -16.84 4.54
C GLY B 161 8.99 -15.70 4.12
N ILE B 162 9.27 -15.10 2.96
CA ILE B 162 8.52 -13.93 2.49
C ILE B 162 7.03 -14.17 2.26
N PHE B 163 6.64 -15.43 1.97
CA PHE B 163 5.23 -15.80 1.79
C PHE B 163 4.62 -16.58 2.96
N LEU B 164 5.24 -16.46 4.13
CA LEU B 164 4.68 -17.01 5.36
C LEU B 164 4.37 -15.84 6.27
N ASP B 165 3.10 -15.64 6.59
CA ASP B 165 2.68 -14.50 7.39
C ASP B 165 3.01 -14.72 8.86
N THR B 166 3.50 -13.65 9.48
CA THR B 166 3.64 -13.55 10.92
C THR B 166 2.48 -12.80 11.56
N ILE B 167 1.80 -11.94 10.79
CA ILE B 167 0.66 -11.16 11.27
C ILE B 167 -0.50 -11.27 10.26
N VAL B 168 -1.65 -11.72 10.75
CA VAL B 168 -2.87 -11.86 9.94
C VAL B 168 -4.01 -11.11 10.65
N PRO B 169 -4.56 -10.06 10.01
CA PRO B 169 -5.73 -9.38 10.57
C PRO B 169 -6.91 -10.32 10.78
N LYS B 170 -7.63 -10.14 11.88
CA LYS B 170 -8.61 -11.13 12.33
C LYS B 170 -9.94 -11.09 11.56
N TYR B 171 -10.29 -9.94 11.01
CA TYR B 171 -11.60 -9.73 10.37
C TYR B 171 -11.47 -8.84 9.15
N GLU B 172 -12.52 -8.85 8.33
CA GLU B 172 -12.58 -8.08 7.11
C GLU B 172 -13.07 -6.65 7.37
N VAL B 173 -12.50 -5.70 6.63
CA VAL B 173 -12.93 -4.30 6.64
C VAL B 173 -13.24 -3.93 5.19
N ASN B 174 -14.50 -3.57 4.92
CA ASN B 174 -15.00 -3.29 3.57
C ASN B 174 -14.91 -4.50 2.63
N GLY B 175 -15.25 -5.68 3.14
CA GLY B 175 -15.24 -6.92 2.36
C GLY B 175 -13.90 -7.62 2.17
N VAL B 176 -12.83 -7.10 2.80
CA VAL B 176 -11.48 -7.62 2.58
C VAL B 176 -10.60 -7.47 3.83
N LYS B 177 -9.62 -8.36 3.97
CA LYS B 177 -8.66 -8.25 5.07
C LYS B 177 -7.88 -6.94 4.91
N PRO B 178 -7.78 -6.13 5.98
CA PRO B 178 -7.03 -4.88 5.88
C PRO B 178 -5.60 -5.14 5.45
N PRO B 179 -5.09 -4.39 4.45
CA PRO B 179 -3.65 -4.47 4.22
C PRO B 179 -2.91 -3.77 5.36
N ILE B 180 -1.74 -4.31 5.71
CA ILE B 180 -0.89 -3.79 6.78
C ILE B 180 0.55 -3.62 6.30
N GLY B 181 1.26 -2.66 6.88
CA GLY B 181 2.67 -2.40 6.58
C GLY B 181 2.93 -1.33 5.53
N GLN B 182 1.96 -0.46 5.27
CA GLN B 182 2.17 0.62 4.31
C GLN B 182 3.28 1.56 4.76
N ARG B 183 4.13 1.98 3.81
CA ARG B 183 5.19 2.94 4.10
C ARG B 183 5.17 4.06 3.07
N THR B 184 3.97 4.61 2.89
CA THR B 184 3.69 5.65 1.90
C THR B 184 3.51 7.01 2.56
N ARG B 185 2.67 7.05 3.60
CA ARG B 185 2.35 8.29 4.29
C ARG B 185 1.72 8.01 5.65
N LEU B 186 1.66 9.05 6.48
CA LEU B 186 0.96 9.01 7.75
C LEU B 186 -0.51 8.72 7.50
N SER B 187 -1.04 7.75 8.25
CA SER B 187 -2.46 7.46 8.20
C SER B 187 -3.28 8.55 8.91
N LYS B 188 -4.59 8.47 8.70
CA LYS B 188 -5.53 9.30 9.43
C LYS B 188 -5.36 9.09 10.94
N GLY B 189 -5.24 7.84 11.36
CA GLY B 189 -4.98 7.50 12.78
C GLY B 189 -3.64 8.03 13.31
N ASP B 190 -2.59 7.93 12.51
CA ASP B 190 -1.27 8.49 12.89
C ASP B 190 -1.37 9.98 13.16
N ILE B 191 -2.08 10.68 12.27
CA ILE B 191 -2.23 12.13 12.36
C ILE B 191 -3.03 12.49 13.61
N ALA B 192 -4.17 11.82 13.80
CA ALA B 192 -5.03 12.05 14.95
C ALA B 192 -4.29 11.80 16.27
N GLN B 193 -3.55 10.70 16.32
CA GLN B 193 -2.77 10.33 17.50
C GLN B 193 -1.65 11.34 17.81
N ALA B 194 -0.91 11.76 16.78
CA ALA B 194 0.11 12.79 16.93
C ALA B 194 -0.49 14.10 17.47
N ARG B 195 -1.62 14.50 16.89
CA ARG B 195 -2.32 15.72 17.32
C ARG B 195 -2.78 15.66 18.77
N LYS B 196 -3.29 14.50 19.18
CA LYS B 196 -3.69 14.30 20.58
C LYS B 196 -2.47 14.26 21.50
N LEU B 197 -1.45 13.52 21.11
CA LEU B 197 -0.23 13.42 21.90
C LEU B 197 0.42 14.78 22.12
N TYR B 198 0.50 15.59 21.06
CA TYR B 198 1.14 16.91 21.14
C TYR B 198 0.17 18.06 21.41
N LYS B 199 -1.09 17.74 21.71
CA LYS B 199 -2.11 18.71 22.13
C LYS B 199 -2.21 19.88 21.14
N CYS B 200 -2.24 19.50 19.86
CA CYS B 200 -2.16 20.46 18.77
C CYS B 200 -3.44 21.31 18.68
N PRO B 201 -3.29 22.63 18.51
CA PRO B 201 -4.46 23.48 18.22
C PRO B 201 -4.91 23.33 16.76
#